data_3P3P
#
_entry.id   3P3P
#
_cell.length_a   86.336
_cell.length_b   86.336
_cell.length_c   146.450
_cell.angle_alpha   90.000
_cell.angle_beta   90.000
_cell.angle_gamma   90.000
#
_symmetry.space_group_name_H-M   'P 41 21 2'
#
loop_
_entity.id
_entity.type
_entity.pdbx_description
1 polymer 'Hypoxia-inducible factor 1-alpha inhibitor'
2 polymer 'Notch 1 protein'
3 non-polymer 'FE (II) ION'
4 non-polymer '2-OXOGLUTARIC ACID'
5 non-polymer 'SULFATE ION'
6 non-polymer GLYCEROL
7 water water
#
loop_
_entity_poly.entity_id
_entity_poly.type
_entity_poly.pdbx_seq_one_letter_code
_entity_poly.pdbx_strand_id
1 'polypeptide(L)'
;MAATAAEAVASGSGEPREEAGALGPAWDESQLRSYSFPTRPIPRLSQSDPRAEELIENEEPVVLTDTNLVYPALKWDLEY
LQENIGNGDFSVYSASTHKFLYYDEKKMANFQNFKPRSNREEMKFHEFVEKLQDIQQRGGEERLYLQQTLNDTVGRKIVM
DFLGFNWNWINKQQGKRGWGQLTSNLLLIGMEGNVTPAHYDEQQNFFAQIKGYKRCILFPPDQFECLYPYPVHHPCDRQS
QVDFDNPDYERFPNFQNVVGYETVVGPGDVLYIPMYWWHHIESLLNGGITITVNFWYKGAPTPKRIEYPLKAHQKVAIMR
NIEKMLGEALGNPQEVGPLLNTMIKGRYN
;
A
2 'polypeptide(L)' GMLEDLINSHADVNAVDD B
#
loop_
_chem_comp.id
_chem_comp.type
_chem_comp.name
_chem_comp.formula
AKG non-polymer '2-OXOGLUTARIC ACID' 'C5 H6 O5'
FE2 non-polymer 'FE (II) ION' 'Fe 2'
GOL non-polymer GLYCEROL 'C3 H8 O3'
SO4 non-polymer 'SULFATE ION' 'O4 S -2'
#
# COMPACT_ATOMS: atom_id res chain seq x y z
N VAL A 9 -19.09 0.76 -17.26
CA VAL A 9 -17.60 0.85 -17.13
C VAL A 9 -17.16 0.82 -15.67
N ALA A 10 -18.13 0.80 -14.76
CA ALA A 10 -17.84 0.75 -13.33
C ALA A 10 -18.00 -0.70 -12.87
N SER A 11 -17.46 -1.61 -13.67
CA SER A 11 -17.52 -3.04 -13.40
C SER A 11 -17.01 -3.37 -11.99
N GLY A 12 -16.14 -2.51 -11.48
CA GLY A 12 -15.57 -2.73 -10.17
C GLY A 12 -14.26 -3.46 -10.36
N SER A 13 -14.19 -4.69 -9.83
CA SER A 13 -12.99 -5.51 -9.96
C SER A 13 -13.30 -6.64 -10.95
N GLY A 14 -14.50 -6.57 -11.52
CA GLY A 14 -14.93 -7.58 -12.46
C GLY A 14 -15.67 -8.69 -11.74
N GLU A 15 -16.27 -9.59 -12.51
CA GLU A 15 -17.01 -10.71 -11.92
C GLU A 15 -16.03 -11.69 -11.28
N PRO A 16 -16.43 -12.28 -10.13
CA PRO A 16 -15.57 -13.24 -9.43
C PRO A 16 -15.00 -14.31 -10.36
N ARG A 17 -13.69 -14.49 -10.30
CA ARG A 17 -13.02 -15.47 -11.14
C ARG A 17 -13.40 -16.89 -10.75
N GLU A 18 -13.51 -17.76 -11.74
CA GLU A 18 -13.84 -19.17 -11.50
C GLU A 18 -12.56 -19.97 -11.26
N GLU A 19 -12.50 -20.65 -10.11
CA GLU A 19 -11.34 -21.45 -9.74
C GLU A 19 -11.21 -22.73 -10.57
N ALA A 20 -9.97 -23.09 -10.87
CA ALA A 20 -9.68 -24.28 -11.65
C ALA A 20 -10.17 -25.54 -10.94
N GLY A 21 -10.60 -26.53 -11.72
CA GLY A 21 -11.10 -27.75 -11.16
C GLY A 21 -12.51 -27.54 -10.63
N ALA A 22 -13.23 -26.60 -11.25
CA ALA A 22 -14.60 -26.27 -10.87
C ALA A 22 -14.75 -26.22 -9.35
N LEU A 23 -13.82 -25.54 -8.68
CA LEU A 23 -13.88 -25.43 -7.22
C LEU A 23 -14.73 -24.24 -6.79
N GLY A 24 -15.61 -23.80 -7.68
CA GLY A 24 -16.48 -22.68 -7.39
C GLY A 24 -15.78 -21.35 -7.51
N PRO A 25 -16.49 -20.23 -7.30
CA PRO A 25 -15.91 -18.88 -7.38
C PRO A 25 -14.96 -18.64 -6.22
N ALA A 26 -13.81 -18.06 -6.51
CA ALA A 26 -12.80 -17.79 -5.50
C ALA A 26 -13.36 -17.00 -4.31
N TRP A 27 -14.13 -15.95 -4.61
CA TRP A 27 -14.75 -15.09 -3.62
C TRP A 27 -16.04 -14.58 -4.23
N ASP A 28 -16.78 -13.76 -3.49
CA ASP A 28 -18.02 -13.19 -4.00
C ASP A 28 -18.22 -11.77 -3.47
N GLU A 29 -19.03 -11.00 -4.19
CA GLU A 29 -19.31 -9.61 -3.85
C GLU A 29 -19.53 -9.31 -2.38
N SER A 30 -20.36 -10.09 -1.68
CA SER A 30 -20.65 -9.84 -0.28
C SER A 30 -19.42 -9.77 0.63
N GLN A 31 -18.26 -10.11 0.11
CA GLN A 31 -17.05 -10.06 0.91
C GLN A 31 -16.38 -8.71 0.77
N LEU A 32 -16.88 -7.92 -0.17
CA LEU A 32 -16.34 -6.60 -0.43
C LEU A 32 -17.11 -5.55 0.36
N ARG A 33 -16.40 -4.62 0.97
CA ARG A 33 -17.04 -3.55 1.74
C ARG A 33 -17.67 -2.58 0.74
N SER A 34 -18.64 -1.78 1.19
CA SER A 34 -19.30 -0.85 0.29
C SER A 34 -18.81 0.58 0.44
N TYR A 35 -18.68 1.28 -0.68
CA TYR A 35 -18.19 2.64 -0.65
C TYR A 35 -19.00 3.57 -1.57
N SER A 36 -18.93 4.86 -1.29
CA SER A 36 -19.67 5.87 -2.04
C SER A 36 -19.12 6.17 -3.43
N PHE A 37 -17.92 5.71 -3.73
CA PHE A 37 -17.34 6.03 -5.02
C PHE A 37 -17.36 4.91 -6.04
N PRO A 38 -17.27 5.26 -7.33
CA PRO A 38 -17.26 4.30 -8.42
C PRO A 38 -15.83 3.90 -8.75
N THR A 39 -15.68 2.73 -9.37
CA THR A 39 -14.35 2.23 -9.75
C THR A 39 -14.45 1.47 -11.04
N ARG A 40 -13.37 1.52 -11.81
CA ARG A 40 -13.29 0.79 -13.07
C ARG A 40 -12.24 -0.29 -12.74
N PRO A 41 -12.27 -1.44 -13.43
CA PRO A 41 -11.28 -2.47 -13.12
C PRO A 41 -9.87 -2.31 -13.68
N ILE A 42 -8.89 -2.81 -12.93
CA ILE A 42 -7.48 -2.79 -13.33
C ILE A 42 -7.25 -3.99 -14.25
N PRO A 43 -6.59 -3.77 -15.38
CA PRO A 43 -6.35 -4.89 -16.30
C PRO A 43 -5.61 -6.10 -15.67
N ARG A 44 -6.18 -7.30 -15.87
CA ARG A 44 -5.55 -8.54 -15.40
C ARG A 44 -4.90 -9.13 -16.65
N LEU A 45 -3.59 -8.96 -16.79
CA LEU A 45 -2.88 -9.44 -17.95
C LEU A 45 -1.80 -10.49 -17.71
N SER A 46 -1.20 -10.94 -18.81
CA SER A 46 -0.15 -11.92 -18.75
C SER A 46 1.16 -11.19 -18.88
N GLN A 47 2.12 -11.62 -18.07
CA GLN A 47 3.44 -11.05 -18.06
C GLN A 47 4.03 -11.01 -19.48
N SER A 48 3.51 -11.87 -20.37
CA SER A 48 4.00 -11.94 -21.75
C SER A 48 3.21 -11.02 -22.68
N ASP A 49 2.09 -10.52 -22.17
CA ASP A 49 1.23 -9.62 -22.91
C ASP A 49 1.93 -8.30 -23.09
N PRO A 50 2.04 -7.80 -24.33
CA PRO A 50 2.71 -6.52 -24.58
C PRO A 50 2.06 -5.39 -23.80
N ARG A 51 0.74 -5.45 -23.66
CA ARG A 51 -0.02 -4.43 -22.94
C ARG A 51 0.46 -4.23 -21.51
N ALA A 52 0.75 -5.32 -20.80
CA ALA A 52 1.21 -5.22 -19.42
C ALA A 52 2.50 -4.40 -19.38
N GLU A 53 3.47 -4.78 -20.19
CA GLU A 53 4.75 -4.07 -20.22
C GLU A 53 4.48 -2.60 -20.50
N GLU A 54 3.49 -2.35 -21.34
CA GLU A 54 3.08 -1.01 -21.73
C GLU A 54 2.62 -0.23 -20.50
N LEU A 55 1.72 -0.83 -19.73
CA LEU A 55 1.17 -0.23 -18.51
C LEU A 55 2.24 0.04 -17.46
N ILE A 56 3.20 -0.88 -17.33
CA ILE A 56 4.26 -0.71 -16.34
C ILE A 56 5.15 0.46 -16.69
N GLU A 57 5.54 0.57 -17.95
CA GLU A 57 6.39 1.68 -18.37
C GLU A 57 5.63 3.01 -18.21
N ASN A 58 4.34 2.99 -18.51
CA ASN A 58 3.48 4.16 -18.40
C ASN A 58 3.06 4.41 -16.96
N GLU A 59 3.60 3.61 -16.06
CA GLU A 59 3.29 3.75 -14.64
C GLU A 59 1.80 3.74 -14.32
N GLU A 60 1.11 2.71 -14.81
CA GLU A 60 -0.32 2.54 -14.56
C GLU A 60 -0.49 1.13 -13.98
N PRO A 61 -1.36 0.99 -12.99
CA PRO A 61 -1.59 -0.33 -12.39
C PRO A 61 -1.90 -1.43 -13.37
N VAL A 62 -1.62 -2.66 -12.95
CA VAL A 62 -1.90 -3.84 -13.75
C VAL A 62 -1.66 -5.07 -12.91
N VAL A 63 -2.57 -6.03 -12.99
CA VAL A 63 -2.41 -7.28 -12.27
C VAL A 63 -1.80 -8.29 -13.26
N LEU A 64 -0.65 -8.85 -12.90
CA LEU A 64 0.06 -9.83 -13.70
C LEU A 64 -0.30 -11.20 -13.12
N THR A 65 -1.06 -11.97 -13.89
CA THR A 65 -1.51 -13.28 -13.44
C THR A 65 -0.52 -14.45 -13.46
N ASP A 66 0.58 -14.33 -14.19
CA ASP A 66 1.53 -15.43 -14.29
C ASP A 66 3.03 -15.12 -14.19
N THR A 67 3.47 -14.43 -13.14
CA THR A 67 4.89 -14.14 -13.06
C THR A 67 5.69 -15.24 -12.37
N ASN A 68 5.07 -15.92 -11.41
CA ASN A 68 5.75 -16.96 -10.65
C ASN A 68 6.76 -16.20 -9.80
N LEU A 69 6.47 -14.92 -9.60
CA LEU A 69 7.35 -14.07 -8.82
C LEU A 69 7.62 -14.69 -7.44
N VAL A 70 6.57 -15.12 -6.76
CA VAL A 70 6.74 -15.72 -5.45
C VAL A 70 6.20 -17.14 -5.42
N TYR A 71 6.47 -17.87 -6.49
CA TYR A 71 6.04 -19.25 -6.64
C TYR A 71 6.24 -20.12 -5.40
N PRO A 72 7.48 -20.17 -4.86
CA PRO A 72 7.82 -20.97 -3.68
C PRO A 72 7.09 -20.61 -2.39
N ALA A 73 6.57 -19.38 -2.33
CA ALA A 73 5.88 -18.91 -1.14
C ALA A 73 4.40 -19.25 -1.13
N LEU A 74 3.89 -19.71 -2.25
CA LEU A 74 2.48 -20.06 -2.33
C LEU A 74 2.11 -21.20 -1.39
N LYS A 75 3.11 -21.88 -0.85
CA LYS A 75 2.88 -22.97 0.08
C LYS A 75 2.94 -22.47 1.53
N TRP A 76 3.20 -21.18 1.70
CA TRP A 76 3.28 -20.62 3.04
C TRP A 76 1.93 -20.58 3.72
N ASP A 77 1.97 -20.61 5.06
CA ASP A 77 0.79 -20.54 5.89
C ASP A 77 1.32 -20.38 7.30
N LEU A 78 0.45 -20.13 8.27
CA LEU A 78 0.90 -19.95 9.65
C LEU A 78 1.82 -21.05 10.17
N GLU A 79 1.40 -22.31 10.06
CA GLU A 79 2.23 -23.41 10.53
C GLU A 79 3.60 -23.43 9.85
N TYR A 80 3.61 -23.42 8.52
CA TYR A 80 4.86 -23.45 7.77
C TYR A 80 5.79 -22.33 8.18
N LEU A 81 5.29 -21.10 8.18
CA LEU A 81 6.11 -19.96 8.55
C LEU A 81 6.62 -20.09 9.97
N GLN A 82 5.70 -20.35 10.89
CA GLN A 82 6.06 -20.53 12.30
C GLN A 82 7.13 -21.62 12.39
N GLU A 83 6.94 -22.67 11.60
CA GLU A 83 7.84 -23.80 11.57
C GLU A 83 9.29 -23.43 11.27
N ASN A 84 9.50 -22.44 10.39
CA ASN A 84 10.86 -22.07 10.05
C ASN A 84 11.11 -20.65 9.56
N ILE A 85 10.40 -19.67 10.11
CA ILE A 85 10.59 -18.30 9.68
C ILE A 85 11.69 -17.59 10.48
N GLY A 86 12.14 -18.22 11.56
CA GLY A 86 13.18 -17.63 12.37
C GLY A 86 12.76 -17.26 13.78
N ASN A 87 13.71 -16.72 14.55
CA ASN A 87 13.46 -16.33 15.93
C ASN A 87 13.39 -14.81 16.14
N GLY A 88 13.67 -14.06 15.07
CA GLY A 88 13.63 -12.61 15.17
C GLY A 88 12.31 -12.06 15.67
N ASP A 89 12.24 -10.75 15.89
CA ASP A 89 11.00 -10.12 16.36
C ASP A 89 10.20 -9.61 15.17
N PHE A 90 8.88 -9.75 15.25
CA PHE A 90 7.99 -9.31 14.19
C PHE A 90 7.09 -8.16 14.61
N SER A 91 7.19 -7.04 13.91
CA SER A 91 6.35 -5.88 14.21
C SER A 91 4.91 -6.31 14.03
N VAL A 92 4.06 -6.02 15.02
CA VAL A 92 2.67 -6.41 14.95
C VAL A 92 1.74 -5.33 15.45
N TYR A 93 0.86 -4.86 14.56
CA TYR A 93 -0.08 -3.80 14.91
C TYR A 93 -1.42 -4.39 15.33
N SER A 94 -1.99 -3.83 16.38
CA SER A 94 -3.28 -4.28 16.90
C SER A 94 -4.24 -3.11 16.79
N ALA A 95 -5.54 -3.38 16.77
CA ALA A 95 -6.50 -2.29 16.66
C ALA A 95 -7.93 -2.70 16.97
N SER A 96 -8.71 -1.72 17.45
CA SER A 96 -10.12 -1.93 17.80
C SER A 96 -10.97 -2.05 16.55
N THR A 97 -10.76 -1.13 15.61
CA THR A 97 -11.51 -1.10 14.36
C THR A 97 -10.84 -1.96 13.29
N HIS A 98 -11.46 -2.04 12.12
CA HIS A 98 -10.92 -2.80 11.00
C HIS A 98 -9.98 -1.96 10.15
N LYS A 99 -9.80 -0.70 10.54
CA LYS A 99 -8.91 0.19 9.80
C LYS A 99 -7.58 0.40 10.52
N PHE A 100 -6.50 0.00 9.87
CA PHE A 100 -5.17 0.14 10.45
C PHE A 100 -4.42 1.32 9.86
N LEU A 101 -4.80 2.52 10.28
CA LEU A 101 -4.16 3.73 9.80
C LEU A 101 -2.69 3.73 10.24
N TYR A 102 -1.80 3.77 9.26
CA TYR A 102 -0.37 3.81 9.51
C TYR A 102 0.03 5.20 10.01
N TYR A 103 0.88 5.24 11.03
CA TYR A 103 1.37 6.48 11.60
C TYR A 103 2.88 6.44 11.76
N ASP A 104 3.55 7.52 11.37
CA ASP A 104 4.99 7.61 11.49
C ASP A 104 5.32 8.04 12.90
N GLU A 105 5.92 7.13 13.67
CA GLU A 105 6.26 7.42 15.05
C GLU A 105 7.26 8.57 15.22
N LYS A 106 8.31 8.59 14.39
CA LYS A 106 9.32 9.64 14.49
C LYS A 106 8.72 11.03 14.33
N LYS A 107 7.50 11.11 13.79
CA LYS A 107 6.84 12.39 13.58
C LYS A 107 5.79 12.69 14.65
N MET A 108 5.52 11.70 15.50
CA MET A 108 4.52 11.88 16.55
C MET A 108 4.87 13.07 17.44
N ALA A 109 6.13 13.47 17.43
CA ALA A 109 6.59 14.59 18.22
C ALA A 109 5.76 15.84 17.89
N ASN A 110 5.82 16.25 16.63
CA ASN A 110 5.11 17.42 16.10
C ASN A 110 3.63 17.56 16.51
N PHE A 111 2.93 16.43 16.59
CA PHE A 111 1.52 16.47 16.95
C PHE A 111 1.24 15.67 18.23
N GLN A 112 1.45 16.32 19.36
CA GLN A 112 1.23 15.68 20.67
C GLN A 112 -0.25 15.43 20.94
N ASN A 113 -1.10 15.83 20.00
CA ASN A 113 -2.54 15.64 20.14
C ASN A 113 -3.07 14.54 19.22
N PHE A 114 -2.19 13.60 18.88
CA PHE A 114 -2.56 12.48 18.01
C PHE A 114 -2.70 11.19 18.81
N LYS A 115 -3.89 10.62 18.79
CA LYS A 115 -4.17 9.38 19.50
C LYS A 115 -4.13 8.21 18.53
N PRO A 116 -3.09 7.37 18.60
CA PRO A 116 -2.93 6.21 17.72
C PRO A 116 -4.16 5.28 17.75
N ARG A 117 -4.61 4.87 16.57
CA ARG A 117 -5.76 3.97 16.46
C ARG A 117 -5.26 2.53 16.48
N SER A 118 -4.02 2.34 16.03
CA SER A 118 -3.38 1.03 15.99
C SER A 118 -2.03 1.10 16.69
N ASN A 119 -1.79 0.16 17.61
CA ASN A 119 -0.52 0.13 18.35
C ASN A 119 0.39 -1.03 17.93
N ARG A 120 1.68 -0.73 17.79
CA ARG A 120 2.66 -1.72 17.38
C ARG A 120 3.21 -2.51 18.57
N GLU A 121 3.79 -3.67 18.28
CA GLU A 121 4.36 -4.51 19.32
C GLU A 121 5.21 -5.64 18.75
N GLU A 122 6.47 -5.70 19.19
CA GLU A 122 7.39 -6.73 18.73
C GLU A 122 7.04 -8.06 19.39
N MET A 123 7.31 -9.15 18.67
CA MET A 123 7.05 -10.48 19.18
C MET A 123 7.56 -11.56 18.24
N LYS A 124 7.53 -12.80 18.72
CA LYS A 124 7.98 -13.94 17.95
C LYS A 124 6.82 -14.46 17.12
N PHE A 125 7.11 -14.90 15.90
CA PHE A 125 6.07 -15.40 15.04
C PHE A 125 5.11 -16.29 15.79
N HIS A 126 5.65 -17.26 16.52
CA HIS A 126 4.83 -18.19 17.29
C HIS A 126 3.90 -17.45 18.24
N GLU A 127 4.31 -16.25 18.66
CA GLU A 127 3.51 -15.44 19.55
C GLU A 127 2.34 -14.83 18.80
N PHE A 128 2.62 -14.32 17.61
CA PHE A 128 1.58 -13.73 16.77
C PHE A 128 0.53 -14.78 16.46
N VAL A 129 1.00 -15.98 16.11
CA VAL A 129 0.11 -17.09 15.77
C VAL A 129 -0.76 -17.48 16.95
N GLU A 130 -0.24 -17.30 18.16
CA GLU A 130 -0.98 -17.62 19.38
C GLU A 130 -2.03 -16.55 19.65
N LYS A 131 -1.55 -15.30 19.77
CA LYS A 131 -2.43 -14.17 20.02
C LYS A 131 -3.54 -14.21 18.98
N LEU A 132 -3.17 -14.62 17.76
CA LEU A 132 -4.12 -14.72 16.67
C LEU A 132 -5.05 -15.93 16.84
N GLN A 133 -4.51 -17.00 17.43
CA GLN A 133 -5.29 -18.21 17.67
C GLN A 133 -6.25 -18.04 18.85
N ASP A 134 -5.88 -17.20 19.81
CA ASP A 134 -6.73 -16.94 20.97
C ASP A 134 -7.98 -16.19 20.56
N ILE A 135 -7.78 -15.00 19.99
CA ILE A 135 -8.90 -14.18 19.53
C ILE A 135 -9.75 -15.06 18.62
N GLN A 136 -9.08 -15.83 17.78
CA GLN A 136 -9.74 -16.71 16.83
C GLN A 136 -10.63 -17.75 17.50
N GLN A 137 -10.29 -18.14 18.74
CA GLN A 137 -11.07 -19.14 19.46
C GLN A 137 -12.01 -18.51 20.48
N ARG A 138 -11.64 -17.33 20.98
CA ARG A 138 -12.47 -16.64 21.96
C ARG A 138 -13.40 -15.64 21.28
N GLY A 139 -13.35 -15.61 19.94
CA GLY A 139 -14.19 -14.73 19.17
C GLY A 139 -14.05 -13.25 19.52
N GLY A 140 -12.83 -12.83 19.82
CA GLY A 140 -12.61 -11.43 20.18
C GLY A 140 -12.82 -10.47 19.02
N GLU A 141 -12.97 -9.18 19.34
CA GLU A 141 -13.19 -8.17 18.32
C GLU A 141 -11.86 -7.54 17.90
N GLU A 142 -10.84 -7.76 18.72
CA GLU A 142 -9.51 -7.23 18.45
C GLU A 142 -8.98 -7.77 17.11
N ARG A 143 -8.15 -6.97 16.45
CA ARG A 143 -7.59 -7.36 15.16
C ARG A 143 -6.07 -7.20 15.22
N LEU A 144 -5.37 -7.99 14.40
CA LEU A 144 -3.92 -7.95 14.36
C LEU A 144 -3.47 -7.83 12.92
N TYR A 145 -2.25 -7.38 12.70
CA TYR A 145 -1.71 -7.25 11.35
C TYR A 145 -0.19 -7.30 11.42
N LEU A 146 0.41 -8.36 10.91
CA LEU A 146 1.86 -8.46 10.94
C LEU A 146 2.48 -7.82 9.70
N GLN A 147 3.29 -6.79 9.94
CA GLN A 147 3.96 -6.07 8.87
C GLN A 147 5.42 -5.98 9.25
N GLN A 148 6.22 -6.89 8.71
CA GLN A 148 7.65 -6.95 9.01
C GLN A 148 8.50 -7.15 7.77
N THR A 149 9.62 -6.43 7.71
CA THR A 149 10.54 -6.54 6.58
C THR A 149 11.27 -7.88 6.76
N LEU A 150 11.65 -8.49 5.64
CA LEU A 150 12.38 -9.76 5.71
C LEU A 150 13.88 -9.47 5.83
N ASN A 151 14.38 -9.71 7.03
CA ASN A 151 15.78 -9.48 7.41
C ASN A 151 16.74 -10.64 7.13
N ASP A 152 17.66 -10.87 8.08
CA ASP A 152 18.66 -11.93 8.00
C ASP A 152 18.22 -13.08 8.89
N THR A 153 17.69 -12.73 10.05
CA THR A 153 17.23 -13.69 11.04
C THR A 153 16.24 -14.70 10.48
N VAL A 154 16.05 -14.67 9.17
CA VAL A 154 15.12 -15.56 8.49
C VAL A 154 15.55 -17.03 8.52
N GLY A 155 14.56 -17.91 8.67
CA GLY A 155 14.82 -19.34 8.72
C GLY A 155 15.53 -19.87 7.48
N ARG A 156 15.99 -21.12 7.56
CA ARG A 156 16.72 -21.73 6.44
C ARG A 156 15.83 -22.04 5.23
N LYS A 157 14.65 -22.59 5.48
CA LYS A 157 13.75 -22.90 4.38
C LYS A 157 13.24 -21.59 3.75
N ILE A 158 12.91 -20.62 4.59
CA ILE A 158 12.42 -19.34 4.09
C ILE A 158 13.45 -18.68 3.20
N VAL A 159 14.71 -18.82 3.55
CA VAL A 159 15.78 -18.25 2.75
C VAL A 159 15.85 -19.05 1.45
N MET A 160 15.50 -20.33 1.53
CA MET A 160 15.49 -21.19 0.37
C MET A 160 14.39 -20.74 -0.57
N ASP A 161 13.18 -20.63 -0.02
CA ASP A 161 12.01 -20.19 -0.78
C ASP A 161 12.28 -18.85 -1.42
N PHE A 162 12.85 -17.95 -0.63
CA PHE A 162 13.18 -16.61 -1.10
C PHE A 162 14.01 -16.66 -2.38
N LEU A 163 14.91 -17.62 -2.45
CA LEU A 163 15.78 -17.80 -3.61
C LEU A 163 14.98 -18.31 -4.81
N GLY A 164 13.85 -18.96 -4.52
CA GLY A 164 13.01 -19.48 -5.57
C GLY A 164 12.17 -18.44 -6.30
N PHE A 165 12.10 -17.22 -5.75
CA PHE A 165 11.33 -16.14 -6.37
C PHE A 165 11.86 -15.95 -7.79
N ASN A 166 11.05 -15.37 -8.68
CA ASN A 166 11.46 -15.19 -10.08
C ASN A 166 12.29 -13.92 -10.30
N TRP A 167 13.47 -13.87 -9.70
CA TRP A 167 14.36 -12.73 -9.83
C TRP A 167 14.68 -12.41 -11.28
N ASN A 168 14.79 -13.43 -12.13
CA ASN A 168 15.09 -13.15 -13.52
C ASN A 168 14.12 -12.09 -14.01
N TRP A 169 12.83 -12.39 -13.90
CA TRP A 169 11.78 -11.48 -14.33
C TRP A 169 11.78 -10.12 -13.64
N ILE A 170 11.68 -10.11 -12.32
CA ILE A 170 11.63 -8.84 -11.61
C ILE A 170 12.88 -7.99 -11.83
N ASN A 171 14.05 -8.62 -11.82
CA ASN A 171 15.28 -7.86 -12.04
C ASN A 171 15.23 -7.16 -13.39
N LYS A 172 14.73 -7.85 -14.42
CA LYS A 172 14.66 -7.23 -15.74
C LYS A 172 13.71 -6.03 -15.70
N GLN A 173 12.68 -6.12 -14.87
CA GLN A 173 11.76 -5.02 -14.74
C GLN A 173 12.52 -3.83 -14.18
N GLN A 174 13.28 -4.07 -13.12
CA GLN A 174 14.09 -3.02 -12.51
C GLN A 174 15.03 -2.41 -13.56
N GLY A 175 15.49 -3.22 -14.50
CA GLY A 175 16.37 -2.72 -15.53
C GLY A 175 15.66 -1.97 -16.64
N LYS A 176 14.52 -2.50 -17.09
CA LYS A 176 13.77 -1.84 -18.16
C LYS A 176 13.20 -0.50 -17.74
N ARG A 177 12.73 -0.42 -16.50
CA ARG A 177 12.13 0.80 -15.98
C ARG A 177 13.16 1.77 -15.42
N GLY A 178 14.42 1.35 -15.43
CA GLY A 178 15.47 2.19 -14.91
C GLY A 178 15.33 2.45 -13.43
N TRP A 179 14.45 1.70 -12.77
CA TRP A 179 14.25 1.89 -11.34
C TRP A 179 15.55 1.82 -10.58
N GLY A 180 15.48 2.21 -9.32
CA GLY A 180 16.64 2.17 -8.46
C GLY A 180 16.70 0.81 -7.81
N GLN A 181 17.37 0.72 -6.66
CA GLN A 181 17.50 -0.56 -5.99
C GLN A 181 16.27 -1.03 -5.25
N LEU A 182 16.24 -2.33 -4.95
CA LEU A 182 15.17 -2.94 -4.20
C LEU A 182 15.42 -2.50 -2.77
N THR A 183 14.56 -1.65 -2.25
CA THR A 183 14.73 -1.17 -0.89
C THR A 183 14.30 -2.20 0.14
N SER A 184 13.28 -3.00 -0.16
CA SER A 184 12.84 -4.01 0.79
C SER A 184 11.70 -4.91 0.35
N ASN A 185 11.42 -5.90 1.18
CA ASN A 185 10.35 -6.85 0.96
C ASN A 185 9.58 -6.85 2.25
N LEU A 186 8.34 -6.41 2.20
CA LEU A 186 7.55 -6.40 3.41
C LEU A 186 6.68 -7.66 3.44
N LEU A 187 6.59 -8.28 4.61
CA LEU A 187 5.75 -9.45 4.76
C LEU A 187 4.52 -8.97 5.50
N LEU A 188 3.35 -9.19 4.91
CA LEU A 188 2.12 -8.77 5.55
C LEU A 188 1.24 -9.98 5.71
N ILE A 189 0.75 -10.16 6.92
CA ILE A 189 -0.14 -11.25 7.24
C ILE A 189 -1.24 -10.58 8.02
N GLY A 190 -2.45 -10.58 7.46
CA GLY A 190 -3.55 -9.93 8.14
C GLY A 190 -4.74 -10.83 8.35
N MET A 191 -5.70 -10.33 9.13
CA MET A 191 -6.92 -11.08 9.42
C MET A 191 -8.02 -10.65 8.45
N GLU A 192 -8.86 -11.59 8.05
CA GLU A 192 -9.96 -11.28 7.15
C GLU A 192 -10.60 -9.97 7.62
N GLY A 193 -11.04 -9.15 6.67
CA GLY A 193 -11.67 -7.89 7.02
C GLY A 193 -10.73 -6.71 7.28
N ASN A 194 -9.47 -6.98 7.61
CA ASN A 194 -8.54 -5.88 7.88
C ASN A 194 -8.41 -4.91 6.71
N VAL A 195 -8.31 -3.64 7.04
CA VAL A 195 -8.19 -2.59 6.04
C VAL A 195 -7.00 -1.66 6.26
N THR A 196 -6.31 -1.34 5.18
CA THR A 196 -5.20 -0.39 5.24
C THR A 196 -5.83 0.79 4.49
N PRO A 197 -6.06 1.92 5.18
CA PRO A 197 -6.67 3.09 4.53
C PRO A 197 -5.82 3.66 3.40
N ALA A 198 -6.50 4.31 2.46
CA ALA A 198 -5.86 4.91 1.31
C ALA A 198 -4.66 5.80 1.63
N HIS A 199 -3.55 5.50 0.96
CA HIS A 199 -2.32 6.27 1.11
C HIS A 199 -1.52 6.05 -0.16
N TYR A 200 -0.43 6.80 -0.32
CA TYR A 200 0.43 6.62 -1.48
C TYR A 200 1.86 6.46 -0.94
N ASP A 201 2.63 5.61 -1.58
CA ASP A 201 4.02 5.36 -1.18
C ASP A 201 4.91 6.05 -2.19
N GLU A 202 6.12 6.40 -1.77
CA GLU A 202 7.03 7.09 -2.64
C GLU A 202 7.96 6.20 -3.44
N GLN A 203 7.58 4.92 -3.56
CA GLN A 203 8.41 3.99 -4.32
C GLN A 203 7.57 3.11 -5.21
N GLN A 204 8.25 2.46 -6.16
CA GLN A 204 7.61 1.54 -7.09
C GLN A 204 7.39 0.25 -6.30
N ASN A 205 6.22 -0.34 -6.43
CA ASN A 205 5.91 -1.55 -5.69
C ASN A 205 5.31 -2.69 -6.50
N PHE A 206 5.83 -3.89 -6.29
CA PHE A 206 5.28 -5.07 -6.93
C PHE A 206 4.67 -5.86 -5.77
N PHE A 207 3.35 -5.82 -5.70
CA PHE A 207 2.53 -6.43 -4.65
C PHE A 207 2.15 -7.86 -5.03
N ALA A 208 2.88 -8.83 -4.49
CA ALA A 208 2.66 -10.26 -4.77
C ALA A 208 1.82 -10.99 -3.73
N GLN A 209 0.60 -11.33 -4.13
CA GLN A 209 -0.35 -12.01 -3.27
C GLN A 209 0.05 -13.47 -3.04
N ILE A 210 -0.07 -13.91 -1.79
CA ILE A 210 0.32 -15.27 -1.44
C ILE A 210 -0.79 -16.15 -0.93
N LYS A 211 -1.53 -15.67 0.07
CA LYS A 211 -2.63 -16.43 0.63
C LYS A 211 -3.83 -15.56 0.90
N GLY A 212 -5.01 -16.07 0.61
CA GLY A 212 -6.24 -15.31 0.81
C GLY A 212 -6.46 -14.30 -0.30
N TYR A 213 -7.53 -13.53 -0.19
CA TYR A 213 -7.82 -12.54 -1.21
C TYR A 213 -7.84 -11.11 -0.67
N LYS A 214 -7.27 -10.20 -1.45
CA LYS A 214 -7.21 -8.78 -1.09
C LYS A 214 -7.81 -7.89 -2.19
N ARG A 215 -8.66 -6.96 -1.78
CA ARG A 215 -9.27 -6.03 -2.72
C ARG A 215 -8.42 -4.77 -2.74
N CYS A 216 -7.94 -4.41 -3.92
CA CYS A 216 -7.10 -3.24 -4.03
C CYS A 216 -7.77 -2.12 -4.80
N ILE A 217 -7.95 -0.98 -4.13
CA ILE A 217 -8.56 0.20 -4.74
C ILE A 217 -7.50 1.28 -4.88
N LEU A 218 -7.11 1.55 -6.12
CA LEU A 218 -6.09 2.53 -6.41
C LEU A 218 -6.64 3.83 -7.01
N PHE A 219 -5.93 4.94 -6.79
CA PHE A 219 -6.32 6.24 -7.33
C PHE A 219 -5.10 6.90 -7.96
N PRO A 220 -5.28 7.55 -9.10
CA PRO A 220 -4.14 8.19 -9.77
C PRO A 220 -3.61 9.43 -9.01
N PRO A 221 -2.33 9.75 -9.22
CA PRO A 221 -1.69 10.91 -8.58
C PRO A 221 -2.48 12.19 -8.73
N ASP A 222 -3.12 12.37 -9.88
CA ASP A 222 -3.89 13.57 -10.17
C ASP A 222 -5.19 13.68 -9.39
N GLN A 223 -5.42 12.79 -8.44
CA GLN A 223 -6.63 12.89 -7.64
C GLN A 223 -6.25 13.30 -6.24
N PHE A 224 -5.14 14.02 -6.16
CA PHE A 224 -4.61 14.54 -4.91
C PHE A 224 -5.61 15.44 -4.17
N GLU A 225 -6.33 16.26 -4.93
CA GLU A 225 -7.29 17.18 -4.36
C GLU A 225 -8.59 16.55 -3.91
N CYS A 226 -8.75 15.25 -4.16
CA CYS A 226 -9.96 14.54 -3.75
C CYS A 226 -9.67 13.64 -2.56
N LEU A 227 -8.39 13.35 -2.34
CA LEU A 227 -8.04 12.46 -1.26
C LEU A 227 -7.50 13.11 0.01
N TYR A 228 -7.26 14.42 -0.07
CA TYR A 228 -6.82 15.21 1.07
C TYR A 228 -5.81 14.58 2.02
N PRO A 229 -4.59 14.39 1.56
CA PRO A 229 -3.60 13.79 2.47
C PRO A 229 -3.33 14.65 3.71
N TYR A 230 -2.89 14.03 4.80
CA TYR A 230 -2.55 14.75 6.02
C TYR A 230 -1.36 15.64 5.71
N PRO A 231 -1.06 16.62 6.57
CA PRO A 231 0.09 17.50 6.33
C PRO A 231 1.36 16.66 6.34
N VAL A 232 2.35 17.06 5.54
CA VAL A 232 3.61 16.33 5.45
C VAL A 232 4.28 16.07 6.81
N HIS A 233 4.14 17.00 7.75
CA HIS A 233 4.77 16.82 9.06
C HIS A 233 3.92 16.05 10.06
N HIS A 234 2.71 15.70 9.67
CA HIS A 234 1.84 14.93 10.54
C HIS A 234 2.24 13.45 10.53
N PRO A 235 1.98 12.74 11.64
CA PRO A 235 2.35 11.31 11.68
C PRO A 235 1.69 10.51 10.56
N CYS A 236 0.47 10.86 10.21
CA CYS A 236 -0.23 10.13 9.16
C CYS A 236 0.11 10.67 7.78
N ASP A 237 1.31 11.21 7.64
CA ASP A 237 1.75 11.73 6.35
C ASP A 237 1.60 10.68 5.22
N ARG A 238 1.04 11.14 4.10
CA ARG A 238 0.81 10.30 2.91
C ARG A 238 -0.50 9.52 2.96
N GLN A 239 -1.20 9.55 4.09
CA GLN A 239 -2.49 8.86 4.20
C GLN A 239 -3.60 9.90 3.87
N SER A 240 -4.75 9.39 3.46
CA SER A 240 -5.89 10.23 3.15
C SER A 240 -6.56 10.55 4.47
N GLN A 241 -7.04 11.77 4.65
CA GLN A 241 -7.72 12.13 5.90
C GLN A 241 -9.17 11.65 5.79
N VAL A 242 -9.64 11.44 4.57
CA VAL A 242 -11.01 11.03 4.37
C VAL A 242 -11.29 9.65 4.93
N ASP A 243 -12.35 9.54 5.73
CA ASP A 243 -12.74 8.25 6.28
C ASP A 243 -13.70 7.61 5.26
N PHE A 244 -13.18 6.67 4.47
CA PHE A 244 -13.99 5.99 3.45
C PHE A 244 -15.34 5.42 3.94
N ASP A 245 -15.38 4.95 5.19
CA ASP A 245 -16.62 4.40 5.73
C ASP A 245 -17.62 5.50 5.97
N ASN A 246 -17.14 6.68 6.35
CA ASN A 246 -18.02 7.81 6.59
C ASN A 246 -17.34 9.10 6.12
N PRO A 247 -17.32 9.32 4.79
CA PRO A 247 -16.71 10.50 4.18
C PRO A 247 -17.38 11.83 4.56
N ASP A 248 -16.56 12.74 5.08
CA ASP A 248 -17.02 14.05 5.50
C ASP A 248 -16.96 15.00 4.31
N TYR A 249 -18.04 15.04 3.55
CA TYR A 249 -18.10 15.88 2.36
C TYR A 249 -18.03 17.37 2.64
N GLU A 250 -18.26 17.79 3.88
CA GLU A 250 -18.16 19.21 4.21
C GLU A 250 -16.69 19.64 4.17
N ARG A 251 -15.85 18.88 4.85
CA ARG A 251 -14.42 19.17 4.91
C ARG A 251 -13.71 18.70 3.67
N PHE A 252 -14.22 17.62 3.09
CA PHE A 252 -13.60 17.02 1.92
C PHE A 252 -14.51 16.92 0.69
N PRO A 253 -15.06 18.07 0.26
CA PRO A 253 -15.96 18.14 -0.90
C PRO A 253 -15.52 17.40 -2.16
N ASN A 254 -14.27 17.56 -2.57
CA ASN A 254 -13.81 16.90 -3.80
C ASN A 254 -13.73 15.40 -3.71
N PHE A 255 -14.04 14.83 -2.55
CA PHE A 255 -13.99 13.39 -2.41
C PHE A 255 -15.17 12.79 -3.18
N GLN A 256 -16.08 13.67 -3.63
CA GLN A 256 -17.24 13.26 -4.40
C GLN A 256 -16.92 13.21 -5.88
N ASN A 257 -15.67 13.46 -6.24
CA ASN A 257 -15.28 13.42 -7.63
C ASN A 257 -14.25 12.31 -7.78
N VAL A 258 -14.14 11.48 -6.75
CA VAL A 258 -13.15 10.42 -6.75
C VAL A 258 -13.56 9.17 -7.52
N VAL A 259 -12.63 8.70 -8.33
CA VAL A 259 -12.82 7.50 -9.15
C VAL A 259 -11.58 6.62 -9.05
N GLY A 260 -11.75 5.41 -8.52
CA GLY A 260 -10.60 4.53 -8.40
C GLY A 260 -10.61 3.31 -9.32
N TYR A 261 -9.45 2.69 -9.47
CA TYR A 261 -9.32 1.49 -10.30
C TYR A 261 -9.28 0.36 -9.27
N GLU A 262 -10.11 -0.66 -9.45
CA GLU A 262 -10.14 -1.72 -8.46
C GLU A 262 -9.85 -3.13 -8.99
N THR A 263 -9.58 -4.03 -8.06
CA THR A 263 -9.29 -5.42 -8.39
C THR A 263 -9.14 -6.29 -7.12
N VAL A 264 -9.29 -7.59 -7.29
CA VAL A 264 -9.11 -8.50 -6.17
C VAL A 264 -7.96 -9.43 -6.52
N VAL A 265 -6.87 -9.35 -5.77
CA VAL A 265 -5.73 -10.21 -6.03
C VAL A 265 -5.84 -11.48 -5.21
N GLY A 266 -5.42 -12.57 -5.85
CA GLY A 266 -5.43 -13.87 -5.20
C GLY A 266 -4.05 -14.49 -5.29
N PRO A 267 -3.85 -15.64 -4.64
CA PRO A 267 -2.57 -16.35 -4.63
C PRO A 267 -1.99 -16.43 -6.03
N GLY A 268 -0.77 -15.92 -6.19
CA GLY A 268 -0.13 -15.97 -7.50
C GLY A 268 -0.16 -14.69 -8.32
N ASP A 269 -1.04 -13.77 -7.95
CA ASP A 269 -1.14 -12.51 -8.69
C ASP A 269 -0.17 -11.47 -8.15
N VAL A 270 0.33 -10.65 -9.05
CA VAL A 270 1.23 -9.57 -8.67
C VAL A 270 0.60 -8.29 -9.23
N LEU A 271 0.31 -7.36 -8.32
CA LEU A 271 -0.27 -6.07 -8.68
C LEU A 271 0.82 -5.02 -8.70
N TYR A 272 0.98 -4.36 -9.84
CA TYR A 272 1.95 -3.30 -9.91
C TYR A 272 1.28 -2.03 -9.39
N ILE A 273 1.80 -1.51 -8.29
CA ILE A 273 1.27 -0.28 -7.72
C ILE A 273 2.30 0.78 -8.05
N PRO A 274 2.05 1.60 -9.09
CA PRO A 274 2.99 2.65 -9.48
C PRO A 274 3.26 3.62 -8.32
N MET A 275 4.47 4.16 -8.28
CA MET A 275 4.86 5.11 -7.25
C MET A 275 3.86 6.27 -7.22
N TYR A 276 3.57 6.78 -6.02
CA TYR A 276 2.64 7.90 -5.83
C TYR A 276 1.16 7.59 -6.06
N TRP A 277 0.84 6.38 -6.52
CA TRP A 277 -0.55 6.03 -6.72
C TRP A 277 -1.14 5.69 -5.37
N TRP A 278 -2.34 6.18 -5.13
CA TRP A 278 -3.01 5.90 -3.86
C TRP A 278 -3.53 4.48 -3.93
N HIS A 279 -3.52 3.80 -2.80
CA HIS A 279 -4.08 2.47 -2.73
C HIS A 279 -4.73 2.27 -1.37
N HIS A 280 -5.85 1.55 -1.42
CA HIS A 280 -6.66 1.22 -0.27
C HIS A 280 -6.68 -0.29 -0.37
N ILE A 281 -6.35 -0.99 0.70
CA ILE A 281 -6.30 -2.44 0.65
C ILE A 281 -7.04 -3.12 1.79
N GLU A 282 -7.86 -4.10 1.43
CA GLU A 282 -8.65 -4.84 2.40
C GLU A 282 -8.63 -6.34 2.16
N SER A 283 -8.61 -7.08 3.27
CA SER A 283 -8.62 -8.54 3.22
C SER A 283 -10.11 -8.89 3.23
N LEU A 284 -10.56 -9.66 2.25
CA LEU A 284 -11.98 -9.98 2.20
C LEU A 284 -12.59 -10.44 3.50
N LEU A 285 -13.84 -10.03 3.72
CA LEU A 285 -14.61 -10.40 4.90
C LEU A 285 -14.86 -11.90 4.85
N ASN A 286 -14.63 -12.58 5.97
CA ASN A 286 -14.82 -14.02 6.08
C ASN A 286 -13.99 -14.77 5.05
N GLY A 287 -12.89 -14.16 4.62
CA GLY A 287 -12.04 -14.79 3.62
C GLY A 287 -10.82 -15.47 4.19
N GLY A 288 -10.71 -15.46 5.52
CA GLY A 288 -9.56 -16.07 6.17
C GLY A 288 -8.40 -15.10 6.22
N ILE A 289 -7.27 -15.53 6.77
CA ILE A 289 -6.10 -14.66 6.85
C ILE A 289 -5.48 -14.47 5.46
N THR A 290 -4.74 -13.37 5.30
CA THR A 290 -4.11 -13.06 4.03
C THR A 290 -2.60 -12.93 4.17
N ILE A 291 -1.88 -13.30 3.11
CA ILE A 291 -0.43 -13.18 3.14
C ILE A 291 0.00 -12.54 1.83
N THR A 292 0.89 -11.56 1.94
CA THR A 292 1.39 -10.85 0.79
C THR A 292 2.83 -10.47 1.07
N VAL A 293 3.63 -10.41 0.02
CA VAL A 293 5.02 -10.00 0.14
C VAL A 293 5.14 -8.95 -0.93
N ASN A 294 5.59 -7.75 -0.59
CA ASN A 294 5.72 -6.76 -1.62
C ASN A 294 7.19 -6.50 -1.85
N PHE A 295 7.49 -5.84 -2.96
CA PHE A 295 8.85 -5.51 -3.32
C PHE A 295 8.85 -4.01 -3.54
N TRP A 296 9.75 -3.31 -2.88
CA TRP A 296 9.83 -1.85 -3.04
C TRP A 296 11.10 -1.40 -3.74
N TYR A 297 10.94 -0.61 -4.79
CA TYR A 297 12.07 -0.12 -5.57
C TYR A 297 12.07 1.40 -5.69
N LYS A 298 13.24 2.02 -5.48
CA LYS A 298 13.35 3.47 -5.63
C LYS A 298 13.02 3.72 -7.09
N GLY A 299 12.24 4.75 -7.37
CA GLY A 299 11.87 5.03 -8.74
C GLY A 299 13.05 5.48 -9.58
N ALA A 300 12.88 5.55 -10.89
CA ALA A 300 13.95 6.00 -11.76
C ALA A 300 14.25 7.47 -11.42
N PRO A 301 15.50 7.92 -11.63
CA PRO A 301 15.89 9.30 -11.35
C PRO A 301 15.30 10.31 -12.35
N THR A 302 15.24 11.57 -11.93
CA THR A 302 14.70 12.66 -12.75
C THR A 302 15.49 12.83 -14.05
N PRO A 303 14.78 12.88 -15.19
CA PRO A 303 15.40 13.03 -16.52
C PRO A 303 16.19 14.33 -16.68
N LYS A 304 17.14 14.32 -17.62
CA LYS A 304 17.98 15.48 -17.90
C LYS A 304 17.20 16.78 -17.76
N ARG A 305 16.41 17.10 -18.78
CA ARG A 305 15.60 18.30 -18.76
C ARG A 305 14.15 17.89 -18.57
N ILE A 306 13.53 18.39 -17.49
CA ILE A 306 12.15 18.06 -17.21
C ILE A 306 11.23 18.77 -18.19
N GLU A 307 10.49 18.00 -18.98
CA GLU A 307 9.58 18.56 -19.96
C GLU A 307 8.39 19.22 -19.26
N TYR A 308 7.56 19.91 -20.05
CA TYR A 308 6.39 20.58 -19.51
C TYR A 308 5.16 20.23 -20.34
N PRO A 309 3.96 20.31 -19.73
CA PRO A 309 3.80 20.68 -18.32
C PRO A 309 4.20 19.49 -17.48
N LEU A 310 4.24 19.68 -16.16
CA LEU A 310 4.64 18.61 -15.26
C LEU A 310 3.60 17.50 -15.13
N LYS A 311 4.07 16.32 -14.74
CA LYS A 311 3.18 15.19 -14.53
C LYS A 311 2.61 15.39 -13.13
N ALA A 312 1.48 14.75 -12.82
CA ALA A 312 0.88 14.92 -11.51
C ALA A 312 1.79 14.56 -10.34
N HIS A 313 2.56 13.47 -10.43
CA HIS A 313 3.39 13.10 -9.29
C HIS A 313 4.54 14.07 -9.05
N GLN A 314 4.90 14.82 -10.07
CA GLN A 314 5.98 15.79 -9.93
C GLN A 314 5.46 16.97 -9.10
N LYS A 315 4.23 17.37 -9.38
CA LYS A 315 3.59 18.44 -8.62
C LYS A 315 3.44 17.98 -7.17
N VAL A 316 3.02 16.74 -6.95
CA VAL A 316 2.88 16.24 -5.59
C VAL A 316 4.23 16.28 -4.90
N ALA A 317 5.28 15.98 -5.65
CA ALA A 317 6.65 15.99 -5.10
C ALA A 317 7.01 17.41 -4.67
N ILE A 318 6.66 18.36 -5.53
CA ILE A 318 6.91 19.77 -5.26
C ILE A 318 6.16 20.20 -4.01
N MET A 319 4.85 19.99 -3.99
CA MET A 319 4.06 20.37 -2.82
C MET A 319 4.69 19.81 -1.56
N ARG A 320 5.03 18.53 -1.59
CA ARG A 320 5.63 17.89 -0.43
C ARG A 320 6.87 18.65 0.02
N ASN A 321 7.72 19.01 -0.95
CA ASN A 321 8.94 19.71 -0.62
C ASN A 321 8.69 21.12 -0.09
N ILE A 322 7.71 21.82 -0.64
CA ILE A 322 7.40 23.15 -0.15
C ILE A 322 7.05 23.06 1.33
N GLU A 323 6.20 22.08 1.68
CA GLU A 323 5.80 21.92 3.08
C GLU A 323 6.97 21.62 3.99
N LYS A 324 7.92 20.83 3.51
CA LYS A 324 9.09 20.48 4.30
C LYS A 324 9.97 21.72 4.49
N MET A 325 10.14 22.50 3.43
CA MET A 325 10.94 23.72 3.49
C MET A 325 10.38 24.69 4.53
N LEU A 326 9.09 25.00 4.44
CA LEU A 326 8.46 25.91 5.39
C LEU A 326 8.57 25.37 6.81
N GLY A 327 8.60 24.04 6.93
CA GLY A 327 8.72 23.43 8.23
C GLY A 327 10.07 23.74 8.88
N GLU A 328 11.13 23.72 8.08
CA GLU A 328 12.47 24.01 8.57
C GLU A 328 12.70 25.50 8.71
N ALA A 329 12.40 26.25 7.65
CA ALA A 329 12.59 27.69 7.67
C ALA A 329 11.88 28.36 8.84
N LEU A 330 10.63 27.98 9.06
CA LEU A 330 9.84 28.57 10.14
C LEU A 330 10.28 28.06 11.50
N GLY A 331 11.13 27.04 11.51
CA GLY A 331 11.62 26.49 12.76
C GLY A 331 10.59 25.69 13.52
N ASN A 332 9.38 25.58 12.97
CA ASN A 332 8.34 24.83 13.64
C ASN A 332 7.19 24.48 12.71
N PRO A 333 7.02 23.18 12.43
CA PRO A 333 6.00 22.57 11.56
C PRO A 333 4.58 23.14 11.69
N GLN A 334 4.18 23.50 12.90
CA GLN A 334 2.84 24.01 13.10
C GLN A 334 2.56 25.42 12.56
N GLU A 335 3.61 26.15 12.21
CA GLU A 335 3.42 27.49 11.66
C GLU A 335 3.28 27.41 10.14
N VAL A 336 3.41 26.20 9.61
CA VAL A 336 3.29 25.99 8.17
C VAL A 336 1.89 26.37 7.70
N GLY A 337 0.87 25.76 8.28
CA GLY A 337 -0.48 26.08 7.87
C GLY A 337 -0.75 27.58 7.84
N PRO A 338 -0.50 28.28 8.96
CA PRO A 338 -0.73 29.73 9.07
C PRO A 338 -0.01 30.53 7.98
N LEU A 339 1.25 30.19 7.73
CA LEU A 339 1.98 30.92 6.71
C LEU A 339 1.33 30.69 5.35
N LEU A 340 0.98 29.43 5.08
CA LEU A 340 0.34 29.06 3.82
C LEU A 340 -1.00 29.79 3.63
N ASN A 341 -1.77 29.86 4.70
CA ASN A 341 -3.05 30.55 4.67
C ASN A 341 -2.88 32.04 4.43
N THR A 342 -1.93 32.64 5.13
CA THR A 342 -1.63 34.07 5.01
C THR A 342 -1.21 34.37 3.57
N MET A 343 -0.60 33.37 2.92
CA MET A 343 -0.14 33.50 1.55
C MET A 343 -1.26 33.53 0.51
N ILE A 344 -2.29 32.72 0.70
CA ILE A 344 -3.34 32.68 -0.30
C ILE A 344 -4.58 33.46 0.05
N LYS A 345 -4.97 33.46 1.32
CA LYS A 345 -6.19 34.15 1.70
C LYS A 345 -6.29 35.55 1.10
N GLY A 346 -7.24 35.70 0.19
CA GLY A 346 -7.46 36.99 -0.44
C GLY A 346 -6.46 37.37 -1.52
N ARG A 347 -5.61 36.42 -1.89
CA ARG A 347 -4.60 36.66 -2.92
C ARG A 347 -4.63 35.62 -4.06
N TYR A 348 -4.82 34.35 -3.72
CA TYR A 348 -4.84 33.30 -4.73
C TYR A 348 -6.11 32.42 -4.72
N ASN A 349 -6.92 32.57 -3.68
CA ASN A 349 -8.15 31.77 -3.55
C ASN A 349 -9.41 32.56 -3.89
N LEU B 3 15.42 24.86 -7.41
CA LEU B 3 14.57 24.45 -8.56
C LEU B 3 14.98 23.08 -9.10
N GLU B 4 13.98 22.28 -9.47
CA GLU B 4 14.18 20.93 -9.98
C GLU B 4 14.83 20.09 -8.89
N ASP B 5 15.32 20.81 -7.89
CA ASP B 5 15.92 20.24 -6.69
C ASP B 5 14.64 20.30 -5.85
N LEU B 6 13.57 20.70 -6.54
CA LEU B 6 12.24 20.86 -5.99
C LEU B 6 11.36 19.66 -6.29
N ILE B 7 11.32 19.25 -7.56
CA ILE B 7 10.48 18.13 -7.98
C ILE B 7 11.07 16.77 -7.67
N ASN B 8 12.29 16.73 -7.15
CA ASN B 8 12.88 15.44 -6.80
C ASN B 8 12.12 14.91 -5.60
N SER B 9 12.11 13.59 -5.44
CA SER B 9 11.39 12.97 -4.34
C SER B 9 12.25 12.40 -3.23
N HIS B 10 11.64 11.51 -2.45
CA HIS B 10 12.31 10.85 -1.36
C HIS B 10 12.07 9.34 -1.53
N ALA B 11 11.82 8.65 -0.43
CA ALA B 11 11.58 7.21 -0.51
C ALA B 11 10.91 6.71 0.77
N ASP B 12 9.70 7.20 1.03
CA ASP B 12 8.96 6.80 2.22
C ASP B 12 7.79 5.86 1.88
N VAL B 13 7.73 4.74 2.59
CA VAL B 13 6.67 3.75 2.41
C VAL B 13 6.07 3.41 3.78
N ASN B 14 4.88 2.85 3.80
CA ASN B 14 4.21 2.48 5.06
C ASN B 14 4.87 1.31 5.77
N ALA B 15 6.09 1.53 6.25
CA ALA B 15 6.85 0.50 6.96
C ALA B 15 7.51 1.07 8.21
FE FE2 C . 1.48 1.16 0.57
C1 AKG D . 2.00 -1.63 0.20
O1 AKG D . 2.60 -2.68 0.04
O2 AKG D . 2.40 -0.60 -0.36
C2 AKG D . 0.75 -1.57 1.09
O5 AKG D . 0.22 -0.49 1.32
C3 AKG D . 0.25 -2.74 1.65
C4 AKG D . -0.76 -2.71 2.61
C5 AKG D . -1.55 -4.02 2.63
O3 AKG D . -2.45 -4.18 3.46
O4 AKG D . -1.32 -4.93 1.83
S SO4 E . -11.35 -8.64 22.69
O1 SO4 E . -10.53 -7.44 22.98
O2 SO4 E . -10.73 -9.42 21.62
O3 SO4 E . -11.44 -9.47 23.91
O4 SO4 E . -12.71 -8.23 22.28
S SO4 F . -14.65 -10.20 8.83
O1 SO4 F . -14.22 -8.81 9.06
O2 SO4 F . -13.67 -10.89 7.97
O3 SO4 F . -14.75 -10.89 10.13
O4 SO4 F . -15.97 -10.20 8.18
C1 GOL G . -9.07 6.53 8.36
O1 GOL G . -10.41 6.05 8.24
C2 GOL G . -9.04 8.04 8.16
O2 GOL G . -9.85 8.69 9.14
C3 GOL G . -7.61 8.53 8.28
O3 GOL G . -7.57 9.94 8.10
C1 GOL H . -1.29 19.19 -8.21
O1 GOL H . -1.24 20.56 -8.63
C2 GOL H . -2.45 18.47 -8.89
O2 GOL H . -2.31 18.52 -10.31
C3 GOL H . -2.49 17.02 -8.42
O3 GOL H . -3.57 16.37 -9.05
C1 GOL I . -9.77 -4.39 -17.92
O1 GOL I . -9.65 -3.71 -19.18
C2 GOL I . -9.59 -5.90 -18.09
O2 GOL I . -8.30 -6.20 -18.66
C3 GOL I . -9.73 -6.61 -16.74
O3 GOL I . -9.57 -8.03 -16.88
#